data_5DA4
#
_entry.id   5DA4
#
_cell.length_a   139.511
_cell.length_b   139.511
_cell.length_c   196.863
_cell.angle_alpha   90.00
_cell.angle_beta   90.00
_cell.angle_gamma   90.00
#
_symmetry.space_group_name_H-M   'P 43 2 2'
#
loop_
_entity.id
_entity.type
_entity.pdbx_description
1 polymer 'Nanobody recognizing the membrane protein SLC26Dg'
2 water water
#
_entity_poly.entity_id   1
_entity_poly.type   'polypeptide(L)'
_entity_poly.pdbx_seq_one_letter_code
;GPSQVQLQESGGGLVQAGGSLRLSCAASGRTFSSDVMGWFRQAPGKEREFVAAVTRSGGKSYNADSVKGRFTISRDNAKN
TVSLQMNSLKPEDTAVYYCAAGDTAITSWYGYDYWGQGTQVTVSS
;
_entity_poly.pdbx_strand_id   A,B,C
#
# COMPACT_ATOMS: atom_id res chain seq x y z
N SER A 3 29.44 22.27 12.67
CA SER A 3 29.17 23.23 11.61
C SER A 3 27.99 22.81 10.75
N GLN A 4 28.23 22.61 9.46
CA GLN A 4 27.16 22.21 8.55
C GLN A 4 27.43 20.83 7.94
N VAL A 5 26.35 20.22 7.47
CA VAL A 5 26.43 18.94 6.77
C VAL A 5 26.65 19.20 5.29
N GLN A 6 27.65 18.54 4.72
CA GLN A 6 27.92 18.67 3.29
C GLN A 6 27.84 17.32 2.59
N LEU A 7 26.96 17.23 1.60
CA LEU A 7 26.83 16.02 0.81
C LEU A 7 27.58 16.18 -0.51
N GLN A 8 28.74 15.54 -0.62
CA GLN A 8 29.60 15.71 -1.78
C GLN A 8 29.29 14.68 -2.86
N GLU A 9 28.93 15.17 -4.04
CA GLU A 9 28.48 14.32 -5.14
C GLU A 9 29.53 14.17 -6.23
N SER A 10 29.71 12.94 -6.71
CA SER A 10 30.68 12.66 -7.77
C SER A 10 30.21 11.50 -8.64
N GLY A 11 30.93 11.26 -9.73
CA GLY A 11 30.62 10.15 -10.62
C GLY A 11 29.75 10.53 -11.80
N GLY A 12 29.35 11.80 -11.86
CA GLY A 12 28.54 12.28 -12.95
C GLY A 12 29.37 12.60 -14.18
N GLY A 13 28.86 13.48 -15.05
CA GLY A 13 29.59 13.87 -16.24
C GLY A 13 28.85 13.54 -17.52
N LEU A 14 29.61 13.42 -18.61
CA LEU A 14 29.03 13.12 -19.91
C LEU A 14 29.21 11.64 -20.26
N VAL A 15 28.17 11.03 -20.82
CA VAL A 15 28.24 9.65 -21.28
C VAL A 15 27.31 9.46 -22.49
N GLN A 16 27.61 8.47 -23.32
CA GLN A 16 26.79 8.20 -24.49
C GLN A 16 25.65 7.27 -24.14
N ALA A 17 24.53 7.41 -24.86
CA ALA A 17 23.36 6.56 -24.67
C ALA A 17 23.73 5.08 -24.71
N GLY A 18 23.24 4.34 -23.71
CA GLY A 18 23.57 2.94 -23.58
C GLY A 18 24.73 2.73 -22.63
N GLY A 19 25.41 3.83 -22.30
CA GLY A 19 26.54 3.80 -21.40
C GLY A 19 26.17 3.75 -19.94
N SER A 20 27.17 3.76 -19.07
CA SER A 20 26.94 3.65 -17.64
C SER A 20 27.59 4.78 -16.84
N LEU A 21 27.07 5.02 -15.64
CA LEU A 21 27.63 5.96 -14.69
C LEU A 21 27.47 5.42 -13.28
N ARG A 22 28.47 5.68 -12.42
CA ARG A 22 28.35 5.30 -11.03
C ARG A 22 28.41 6.52 -10.13
N LEU A 23 27.25 7.06 -9.78
CA LEU A 23 27.18 8.22 -8.91
C LEU A 23 27.59 7.85 -7.50
N SER A 24 28.27 8.78 -6.83
CA SER A 24 28.69 8.57 -5.45
C SER A 24 28.37 9.79 -4.60
N CYS A 25 27.85 9.55 -3.39
CA CYS A 25 27.58 10.63 -2.45
C CYS A 25 28.24 10.33 -1.10
N ALA A 26 29.13 11.22 -0.67
CA ALA A 26 29.81 11.06 0.60
C ALA A 26 29.57 12.28 1.49
N ALA A 27 29.08 12.05 2.71
CA ALA A 27 28.81 13.13 3.64
C ALA A 27 30.09 13.61 4.31
N SER A 28 30.22 14.92 4.45
CA SER A 28 31.34 15.52 5.17
C SER A 28 30.83 16.67 6.04
N GLY A 29 31.73 17.29 6.81
CA GLY A 29 31.35 18.35 7.71
C GLY A 29 30.81 17.79 9.03
N ARG A 30 29.74 18.40 9.53
CA ARG A 30 29.14 17.98 10.80
C ARG A 30 28.62 16.55 10.70
N THR A 31 29.19 15.65 11.50
CA THR A 31 28.78 14.26 11.53
C THR A 31 27.35 14.11 12.04
N PHE A 32 26.61 13.17 11.46
CA PHE A 32 25.24 12.92 11.88
C PHE A 32 24.86 11.46 11.63
N SER A 33 23.92 10.96 12.42
CA SER A 33 23.42 9.60 12.23
C SER A 33 22.38 9.57 11.12
N SER A 34 22.72 8.95 10.00
CA SER A 34 21.84 8.95 8.84
C SER A 34 20.75 7.87 8.93
N ASP A 35 19.55 8.25 8.52
CA ASP A 35 18.41 7.35 8.46
C ASP A 35 18.31 6.71 7.09
N VAL A 36 18.50 7.54 6.07
CA VAL A 36 18.37 7.12 4.68
C VAL A 36 19.14 8.06 3.77
N MET A 37 19.76 7.50 2.72
CA MET A 37 20.41 8.31 1.70
C MET A 37 19.93 7.89 0.32
N GLY A 38 19.67 8.87 -0.53
CA GLY A 38 19.16 8.58 -1.87
C GLY A 38 19.46 9.67 -2.87
N TRP A 39 18.92 9.50 -4.08
CA TRP A 39 19.15 10.45 -5.15
C TRP A 39 17.86 11.01 -5.72
N PHE A 40 17.86 12.32 -5.99
CA PHE A 40 16.79 12.96 -6.73
C PHE A 40 17.38 13.51 -8.02
N ARG A 41 16.53 13.89 -8.96
CA ARG A 41 17.01 14.47 -10.21
C ARG A 41 15.99 15.43 -10.80
N GLN A 42 16.48 16.39 -11.58
CA GLN A 42 15.60 17.36 -12.23
C GLN A 42 16.04 17.63 -13.67
N ALA A 43 15.32 17.04 -14.62
CA ALA A 43 15.55 17.30 -16.03
C ALA A 43 15.18 18.76 -16.34
N PRO A 44 15.77 19.33 -17.40
CA PRO A 44 15.45 20.70 -17.80
C PRO A 44 13.96 20.93 -18.01
N GLY A 45 13.42 21.96 -17.35
CA GLY A 45 12.03 22.32 -17.50
C GLY A 45 11.06 21.27 -16.99
N LYS A 46 11.46 20.55 -15.95
CA LYS A 46 10.61 19.53 -15.35
C LYS A 46 10.69 19.55 -13.83
N GLU A 47 9.78 18.83 -13.19
CA GLU A 47 9.77 18.70 -11.74
C GLU A 47 10.91 17.83 -11.24
N ARG A 48 11.45 18.19 -10.08
CA ARG A 48 12.42 17.34 -9.41
C ARG A 48 11.71 16.05 -8.98
N GLU A 49 12.32 14.91 -9.29
CA GLU A 49 11.71 13.62 -8.98
C GLU A 49 12.65 12.70 -8.21
N PHE A 50 12.05 11.76 -7.49
CA PHE A 50 12.80 10.74 -6.78
C PHE A 50 13.42 9.76 -7.76
N VAL A 51 14.54 9.15 -7.37
CA VAL A 51 15.20 8.17 -8.21
C VAL A 51 15.37 6.85 -7.45
N ALA A 52 16.20 6.87 -6.41
CA ALA A 52 16.49 5.68 -5.63
C ALA A 52 16.95 6.06 -4.22
N ALA A 53 16.88 5.10 -3.31
CA ALA A 53 17.28 5.33 -1.93
C ALA A 53 17.55 4.02 -1.20
N VAL A 54 18.47 4.07 -0.23
CA VAL A 54 18.74 2.92 0.62
C VAL A 54 18.75 3.35 2.08
N THR A 55 18.09 2.57 2.92
CA THR A 55 18.03 2.87 4.35
C THR A 55 19.24 2.25 5.06
N ARG A 56 19.43 2.60 6.33
CA ARG A 56 20.57 2.12 7.08
C ARG A 56 20.42 0.64 7.44
N SER A 57 19.23 0.10 7.20
CA SER A 57 18.97 -1.32 7.39
C SER A 57 19.19 -2.09 6.09
N GLY A 58 19.42 -1.37 5.00
CA GLY A 58 19.65 -1.99 3.72
C GLY A 58 18.43 -2.05 2.83
N GLY A 59 17.34 -1.43 3.29
CA GLY A 59 16.11 -1.39 2.52
C GLY A 59 16.23 -0.44 1.34
N LYS A 60 15.92 -0.95 0.15
CA LYS A 60 16.08 -0.16 -1.07
C LYS A 60 14.74 0.13 -1.74
N SER A 61 14.58 1.36 -2.24
CA SER A 61 13.36 1.76 -2.94
C SER A 61 13.72 2.53 -4.21
N TYR A 62 12.85 2.43 -5.22
CA TYR A 62 13.13 3.06 -6.51
C TYR A 62 11.89 3.74 -7.10
N ASN A 63 12.12 4.84 -7.81
CA ASN A 63 11.12 5.37 -8.72
C ASN A 63 11.08 4.47 -9.95
N ALA A 64 10.45 3.32 -9.79
CA ALA A 64 10.52 2.24 -10.78
C ALA A 64 10.01 2.65 -12.16
N ASP A 65 9.09 3.62 -12.20
CA ASP A 65 8.49 4.05 -13.45
C ASP A 65 9.46 4.80 -14.35
N SER A 66 10.54 5.31 -13.75
CA SER A 66 11.54 6.04 -14.50
C SER A 66 12.88 5.30 -14.49
N VAL A 67 13.12 4.54 -13.43
CA VAL A 67 14.34 3.75 -13.31
C VAL A 67 14.31 2.51 -14.20
N LYS A 68 13.18 1.81 -14.17
CA LYS A 68 12.96 0.61 -14.98
C LYS A 68 14.00 -0.47 -14.72
N GLY A 69 14.41 -0.62 -13.48
CA GLY A 69 15.35 -1.66 -13.09
C GLY A 69 16.75 -1.46 -13.63
N ARG A 70 17.02 -0.29 -14.18
CA ARG A 70 18.33 0.00 -14.75
C ARG A 70 19.34 0.42 -13.67
N PHE A 71 18.85 1.07 -12.63
CA PHE A 71 19.72 1.65 -11.61
C PHE A 71 19.75 0.78 -10.37
N THR A 72 20.90 0.77 -9.67
CA THR A 72 21.03 0.00 -8.44
C THR A 72 21.75 0.82 -7.37
N ILE A 73 21.03 1.14 -6.30
CA ILE A 73 21.62 1.88 -5.19
C ILE A 73 22.17 0.91 -4.15
N SER A 74 23.21 1.32 -3.45
CA SER A 74 23.84 0.48 -2.43
C SER A 74 24.61 1.32 -1.42
N ARG A 75 24.76 0.78 -0.22
CA ARG A 75 25.53 1.45 0.82
C ARG A 75 27.01 1.12 0.67
N ASP A 76 27.85 2.14 0.75
CA ASP A 76 29.29 1.91 0.74
C ASP A 76 29.81 1.67 2.14
N ASN A 77 31.07 1.27 2.23
CA ASN A 77 31.68 0.93 3.52
C ASN A 77 31.82 2.14 4.45
N ALA A 78 32.12 3.29 3.86
CA ALA A 78 32.39 4.49 4.65
C ALA A 78 31.13 5.08 5.28
N LYS A 79 31.33 5.93 6.29
CA LYS A 79 30.24 6.59 7.00
C LYS A 79 29.41 7.46 6.06
N ASN A 80 28.11 7.19 6.01
CA ASN A 80 27.15 7.96 5.20
C ASN A 80 27.59 8.12 3.75
N THR A 81 27.98 7.00 3.13
CA THR A 81 28.40 7.01 1.74
C THR A 81 27.54 6.05 0.92
N VAL A 82 27.06 6.52 -0.23
CA VAL A 82 26.11 5.75 -1.04
C VAL A 82 26.46 5.83 -2.53
N SER A 83 26.32 4.70 -3.23
CA SER A 83 26.59 4.66 -4.67
C SER A 83 25.33 4.33 -5.47
N LEU A 84 25.23 4.90 -6.66
CA LEU A 84 24.13 4.59 -7.57
C LEU A 84 24.66 4.16 -8.92
N GLN A 85 24.58 2.85 -9.18
CA GLN A 85 25.03 2.28 -10.45
C GLN A 85 23.95 2.44 -11.52
N MET A 86 24.20 3.34 -12.46
CA MET A 86 23.23 3.62 -13.52
C MET A 86 23.66 2.98 -14.84
N ASN A 87 22.87 2.02 -15.32
CA ASN A 87 23.14 1.35 -16.59
C ASN A 87 22.09 1.67 -17.64
N SER A 88 22.44 1.41 -18.90
CA SER A 88 21.54 1.61 -20.04
C SER A 88 20.94 3.01 -20.07
N LEU A 89 21.81 4.02 -19.96
CA LEU A 89 21.38 5.41 -19.90
C LEU A 89 20.83 5.91 -21.24
N LYS A 90 19.87 6.82 -21.16
CA LYS A 90 19.24 7.41 -22.33
C LYS A 90 19.21 8.93 -22.19
N PRO A 91 19.03 9.65 -23.31
CA PRO A 91 18.99 11.13 -23.26
C PRO A 91 17.98 11.72 -22.28
N GLU A 92 16.95 10.95 -21.91
CA GLU A 92 15.94 11.44 -20.98
C GLU A 92 16.44 11.35 -19.54
N ASP A 93 17.57 10.67 -19.34
CA ASP A 93 18.19 10.58 -18.02
C ASP A 93 19.06 11.81 -17.75
N THR A 94 19.20 12.66 -18.75
CA THR A 94 19.95 13.91 -18.61
C THR A 94 19.26 14.84 -17.61
N ALA A 95 19.94 15.10 -16.49
CA ALA A 95 19.38 15.94 -15.44
C ALA A 95 20.45 16.34 -14.43
N VAL A 96 20.11 17.30 -13.57
CA VAL A 96 20.94 17.60 -12.41
C VAL A 96 20.55 16.63 -11.30
N TYR A 97 21.51 15.83 -10.84
CA TYR A 97 21.23 14.82 -9.81
C TYR A 97 21.60 15.31 -8.42
N TYR A 98 20.65 15.23 -7.51
CA TYR A 98 20.84 15.70 -6.15
C TYR A 98 20.92 14.55 -5.16
N CYS A 99 21.97 14.53 -4.36
CA CYS A 99 22.04 13.58 -3.24
C CYS A 99 21.26 14.13 -2.06
N ALA A 100 20.57 13.24 -1.36
CA ALA A 100 19.78 13.65 -0.20
C ALA A 100 19.98 12.66 0.95
N ALA A 101 20.06 13.18 2.16
CA ALA A 101 20.30 12.34 3.33
C ALA A 101 19.27 12.60 4.42
N GLY A 102 18.90 11.54 5.13
CA GLY A 102 17.93 11.65 6.20
C GLY A 102 18.56 11.51 7.56
N ASP A 103 18.11 12.33 8.51
CA ASP A 103 18.66 12.33 9.85
C ASP A 103 17.76 11.57 10.81
N THR A 104 18.36 10.73 11.64
CA THR A 104 17.62 10.00 12.66
C THR A 104 17.24 10.94 13.80
N ALA A 105 18.02 12.01 13.95
CA ALA A 105 17.78 13.01 14.99
C ALA A 105 16.65 13.94 14.60
N ILE A 106 16.21 13.85 13.34
CA ILE A 106 15.04 14.57 12.86
C ILE A 106 13.87 13.59 12.76
N THR A 107 12.73 13.97 13.35
CA THR A 107 11.65 13.05 13.67
C THR A 107 11.09 12.24 12.50
N SER A 108 10.85 12.89 11.36
CA SER A 108 10.22 12.23 10.23
C SER A 108 10.97 10.96 9.79
N TRP A 109 10.22 9.88 9.67
CA TRP A 109 10.80 8.57 9.34
C TRP A 109 11.18 8.49 7.88
N TYR A 110 12.45 8.20 7.63
CA TYR A 110 13.00 8.12 6.27
C TYR A 110 12.79 9.40 5.48
N GLY A 111 12.76 10.54 6.18
CA GLY A 111 12.61 11.83 5.53
C GLY A 111 13.95 12.43 5.20
N TYR A 112 13.98 13.30 4.20
CA TYR A 112 15.23 13.92 3.76
C TYR A 112 15.41 15.31 4.32
N ASP A 113 16.60 15.57 4.85
CA ASP A 113 16.88 16.80 5.57
C ASP A 113 18.05 17.58 4.98
N TYR A 114 19.03 16.86 4.43
CA TYR A 114 20.21 17.50 3.87
C TYR A 114 20.32 17.21 2.38
N TRP A 115 20.79 18.19 1.63
CA TRP A 115 20.86 18.07 0.18
C TRP A 115 22.22 18.49 -0.37
N GLY A 116 22.66 17.81 -1.43
CA GLY A 116 23.88 18.19 -2.11
C GLY A 116 23.60 19.34 -3.07
N GLN A 117 24.67 19.98 -3.54
CA GLN A 117 24.52 21.08 -4.49
C GLN A 117 23.95 20.59 -5.82
N GLY A 118 24.18 19.33 -6.12
CA GLY A 118 23.74 18.75 -7.39
C GLY A 118 24.90 18.56 -8.34
N THR A 119 24.86 17.49 -9.11
CA THR A 119 25.90 17.24 -10.10
C THR A 119 25.25 16.97 -11.46
N GLN A 120 25.91 17.41 -12.52
CA GLN A 120 25.34 17.32 -13.86
C GLN A 120 25.57 15.95 -14.50
N VAL A 121 24.51 15.42 -15.10
CA VAL A 121 24.60 14.20 -15.89
C VAL A 121 24.02 14.47 -17.27
N THR A 122 24.84 14.29 -18.30
CA THR A 122 24.41 14.53 -19.67
C THR A 122 24.61 13.31 -20.55
N VAL A 123 23.51 12.75 -21.05
CA VAL A 123 23.57 11.57 -21.90
C VAL A 123 23.28 11.92 -23.35
N SER A 124 24.32 11.83 -24.19
CA SER A 124 24.19 12.17 -25.59
C SER A 124 23.52 11.05 -26.38
N SER A 125 22.99 11.38 -27.54
CA SER A 125 22.32 10.40 -28.38
C SER A 125 23.34 9.40 -28.95
N SER B 3 -10.72 -31.26 1.26
CA SER B 3 -11.02 -31.80 2.58
C SER B 3 -12.00 -30.90 3.33
N GLN B 4 -11.70 -29.60 3.36
CA GLN B 4 -12.54 -28.64 4.06
C GLN B 4 -12.91 -27.48 3.15
N VAL B 5 -14.02 -26.84 3.46
CA VAL B 5 -14.45 -25.65 2.73
C VAL B 5 -14.02 -24.40 3.49
N GLN B 6 -13.29 -23.52 2.83
CA GLN B 6 -12.83 -22.29 3.46
C GLN B 6 -13.38 -21.06 2.74
N LEU B 7 -14.16 -20.28 3.47
CA LEU B 7 -14.67 -19.02 2.94
C LEU B 7 -13.78 -17.87 3.39
N GLN B 8 -13.00 -17.33 2.46
CA GLN B 8 -12.04 -16.29 2.80
C GLN B 8 -12.62 -14.90 2.59
N GLU B 9 -12.68 -14.13 3.69
CA GLU B 9 -13.32 -12.82 3.67
C GLU B 9 -12.30 -11.69 3.63
N SER B 10 -12.56 -10.69 2.79
CA SER B 10 -11.67 -9.55 2.67
C SER B 10 -12.45 -8.29 2.26
N GLY B 11 -11.79 -7.13 2.33
CA GLY B 11 -12.40 -5.89 1.94
C GLY B 11 -12.91 -5.09 3.13
N GLY B 12 -12.79 -5.66 4.33
CA GLY B 12 -13.22 -4.99 5.54
C GLY B 12 -12.22 -3.97 6.01
N GLY B 13 -12.22 -3.69 7.32
CA GLY B 13 -11.26 -2.75 7.89
C GLY B 13 -11.95 -1.53 8.48
N LEU B 14 -11.20 -0.43 8.60
CA LEU B 14 -11.74 0.79 9.17
C LEU B 14 -12.09 1.80 8.08
N VAL B 15 -13.21 2.50 8.26
CA VAL B 15 -13.64 3.55 7.34
C VAL B 15 -14.46 4.58 8.11
N GLN B 16 -14.46 5.82 7.64
CA GLN B 16 -15.21 6.89 8.30
C GLN B 16 -16.66 6.90 7.83
N ALA B 17 -17.53 7.52 8.62
CA ALA B 17 -18.94 7.61 8.30
C ALA B 17 -19.17 8.31 6.98
N GLY B 18 -20.03 7.73 6.15
CA GLY B 18 -20.28 8.25 4.82
C GLY B 18 -19.37 7.58 3.81
N GLY B 19 -18.40 6.81 4.30
CA GLY B 19 -17.45 6.13 3.45
C GLY B 19 -17.98 4.82 2.89
N SER B 20 -17.15 4.15 2.09
CA SER B 20 -17.58 2.92 1.44
C SER B 20 -16.60 1.77 1.70
N LEU B 21 -17.13 0.55 1.62
CA LEU B 21 -16.30 -0.66 1.68
C LEU B 21 -16.81 -1.68 0.67
N ARG B 22 -15.89 -2.44 0.10
CA ARG B 22 -16.26 -3.51 -0.82
C ARG B 22 -15.83 -4.86 -0.29
N LEU B 23 -16.72 -5.51 0.46
CA LEU B 23 -16.42 -6.83 1.01
C LEU B 23 -16.33 -7.86 -0.11
N SER B 24 -15.56 -8.90 0.13
CA SER B 24 -15.39 -9.97 -0.85
C SER B 24 -15.25 -11.32 -0.16
N CYS B 25 -15.98 -12.32 -0.66
CA CYS B 25 -15.88 -13.67 -0.13
C CYS B 25 -15.51 -14.65 -1.24
N ALA B 26 -14.39 -15.34 -1.06
CA ALA B 26 -13.92 -16.32 -2.02
C ALA B 26 -13.78 -17.68 -1.37
N ALA B 27 -14.34 -18.71 -2.01
CA ALA B 27 -14.28 -20.06 -1.47
C ALA B 27 -13.00 -20.77 -1.88
N SER B 28 -12.36 -21.42 -0.92
CA SER B 28 -11.18 -22.25 -1.19
C SER B 28 -11.33 -23.59 -0.47
N GLY B 29 -10.39 -24.50 -0.71
CA GLY B 29 -10.47 -25.84 -0.16
C GLY B 29 -11.14 -26.77 -1.16
N ARG B 30 -11.82 -27.80 -0.67
CA ARG B 30 -12.52 -28.72 -1.56
C ARG B 30 -13.65 -27.99 -2.29
N THR B 31 -13.70 -28.16 -3.60
CA THR B 31 -14.66 -27.45 -4.44
C THR B 31 -16.08 -27.96 -4.25
N PHE B 32 -17.04 -27.11 -4.58
CA PHE B 32 -18.46 -27.44 -4.49
C PHE B 32 -19.29 -26.41 -5.26
N SER B 33 -20.35 -26.87 -5.91
CA SER B 33 -21.27 -25.96 -6.57
C SER B 33 -22.18 -25.29 -5.54
N SER B 34 -22.21 -23.95 -5.56
CA SER B 34 -22.94 -23.21 -4.53
C SER B 34 -24.38 -22.93 -4.90
N ASP B 35 -25.27 -23.05 -3.91
CA ASP B 35 -26.68 -22.72 -4.08
C ASP B 35 -26.89 -21.22 -3.94
N VAL B 36 -26.26 -20.65 -2.92
CA VAL B 36 -26.40 -19.24 -2.61
C VAL B 36 -25.22 -18.78 -1.73
N MET B 37 -24.76 -17.56 -1.93
CA MET B 37 -23.74 -16.97 -1.07
C MET B 37 -24.20 -15.62 -0.54
N GLY B 38 -24.00 -15.38 0.74
CA GLY B 38 -24.48 -14.15 1.35
C GLY B 38 -23.68 -13.67 2.54
N TRP B 39 -24.09 -12.54 3.10
CA TRP B 39 -23.39 -11.96 4.24
C TRP B 39 -24.29 -11.82 5.46
N PHE B 40 -23.75 -12.17 6.62
CA PHE B 40 -24.39 -11.91 7.90
C PHE B 40 -23.48 -10.97 8.68
N ARG B 41 -23.99 -10.39 9.77
CA ARG B 41 -23.18 -9.52 10.60
C ARG B 41 -23.66 -9.54 12.05
N GLN B 42 -22.75 -9.25 12.97
CA GLN B 42 -23.09 -9.27 14.39
C GLN B 42 -22.40 -8.15 15.15
N ALA B 43 -23.17 -7.13 15.51
CA ALA B 43 -22.67 -6.03 16.33
C ALA B 43 -22.42 -6.54 17.76
N PRO B 44 -21.55 -5.84 18.52
CA PRO B 44 -21.27 -6.24 19.90
C PRO B 44 -22.52 -6.34 20.77
N GLY B 45 -22.74 -7.51 21.37
CA GLY B 45 -23.86 -7.72 22.27
C GLY B 45 -25.20 -7.78 21.59
N LYS B 46 -25.20 -8.06 20.29
CA LYS B 46 -26.42 -8.11 19.51
C LYS B 46 -26.55 -9.46 18.81
N GLU B 47 -27.77 -9.82 18.44
CA GLU B 47 -28.00 -11.01 17.64
C GLU B 47 -27.38 -10.84 16.26
N ARG B 48 -26.86 -11.93 15.71
CA ARG B 48 -26.36 -11.91 14.35
C ARG B 48 -27.53 -11.78 13.39
N GLU B 49 -27.42 -10.83 12.45
CA GLU B 49 -28.50 -10.58 11.52
C GLU B 49 -28.07 -10.78 10.06
N PHE B 50 -29.05 -11.10 9.22
CA PHE B 50 -28.83 -11.24 7.79
C PHE B 50 -28.57 -9.88 7.15
N VAL B 51 -27.83 -9.86 6.06
CA VAL B 51 -27.54 -8.60 5.36
C VAL B 51 -27.96 -8.67 3.90
N ALA B 52 -27.31 -9.56 3.13
CA ALA B 52 -27.59 -9.69 1.71
C ALA B 52 -27.22 -11.08 1.21
N ALA B 53 -27.78 -11.46 0.06
CA ALA B 53 -27.50 -12.76 -0.53
C ALA B 53 -27.75 -12.76 -2.03
N VAL B 54 -27.03 -13.61 -2.75
CA VAL B 54 -27.24 -13.79 -4.18
C VAL B 54 -27.21 -15.27 -4.54
N THR B 55 -28.19 -15.70 -5.33
CA THR B 55 -28.30 -17.09 -5.72
C THR B 55 -27.48 -17.35 -6.98
N ARG B 56 -27.38 -18.63 -7.36
CA ARG B 56 -26.62 -19.02 -8.54
C ARG B 56 -27.28 -18.46 -9.80
N SER B 57 -28.59 -18.24 -9.70
CA SER B 57 -29.35 -17.69 -10.81
C SER B 57 -29.17 -16.18 -10.91
N GLY B 58 -28.78 -15.55 -9.80
CA GLY B 58 -28.53 -14.13 -9.78
C GLY B 58 -29.59 -13.33 -9.03
N GLY B 59 -30.40 -14.02 -8.24
CA GLY B 59 -31.44 -13.38 -7.47
C GLY B 59 -30.91 -12.75 -6.18
N LYS B 60 -31.19 -11.47 -6.00
CA LYS B 60 -30.70 -10.73 -4.84
C LYS B 60 -31.75 -10.63 -3.75
N SER B 61 -31.32 -10.77 -2.50
CA SER B 61 -32.20 -10.57 -1.36
C SER B 61 -31.49 -9.75 -0.29
N TYR B 62 -32.21 -8.83 0.35
CA TYR B 62 -31.60 -7.93 1.32
C TYR B 62 -32.42 -7.83 2.62
N ASN B 63 -31.72 -7.64 3.73
CA ASN B 63 -32.35 -7.19 4.96
C ASN B 63 -32.59 -5.69 4.81
N ALA B 64 -33.69 -5.34 4.14
CA ALA B 64 -33.98 -3.95 3.79
C ALA B 64 -34.04 -3.03 5.00
N ASP B 65 -34.35 -3.61 6.17
CA ASP B 65 -34.41 -2.85 7.41
C ASP B 65 -33.05 -2.27 7.76
N SER B 66 -32.01 -3.09 7.64
CA SER B 66 -30.65 -2.67 7.98
C SER B 66 -29.93 -2.07 6.79
N VAL B 67 -30.05 -2.71 5.63
CA VAL B 67 -29.38 -2.26 4.43
C VAL B 67 -29.85 -0.89 3.96
N LYS B 68 -31.17 -0.74 3.85
CA LYS B 68 -31.80 0.51 3.41
C LYS B 68 -31.30 0.97 2.05
N GLY B 69 -31.12 0.02 1.14
CA GLY B 69 -30.74 0.32 -0.23
C GLY B 69 -29.33 0.84 -0.41
N ARG B 70 -28.53 0.76 0.64
CA ARG B 70 -27.16 1.25 0.59
C ARG B 70 -26.20 0.20 0.04
N PHE B 71 -26.48 -1.07 0.33
CA PHE B 71 -25.55 -2.14 -0.03
C PHE B 71 -26.00 -2.84 -1.32
N THR B 72 -25.04 -3.34 -2.09
CA THR B 72 -25.34 -4.09 -3.30
C THR B 72 -24.45 -5.33 -3.42
N ILE B 73 -25.08 -6.50 -3.43
CA ILE B 73 -24.35 -7.75 -3.55
C ILE B 73 -24.31 -8.20 -5.01
N SER B 74 -23.26 -8.93 -5.38
CA SER B 74 -23.09 -9.37 -6.77
C SER B 74 -22.18 -10.58 -6.88
N ARG B 75 -22.34 -11.33 -7.96
CA ARG B 75 -21.49 -12.48 -8.23
C ARG B 75 -20.26 -12.05 -8.99
N ASP B 76 -19.10 -12.57 -8.58
CA ASP B 76 -17.86 -12.33 -9.30
C ASP B 76 -17.61 -13.47 -10.28
N ASN B 77 -16.71 -13.23 -11.22
CA ASN B 77 -16.40 -14.21 -12.25
C ASN B 77 -15.84 -15.52 -11.68
N ALA B 78 -15.05 -15.41 -10.62
CA ALA B 78 -14.43 -16.58 -10.02
C ALA B 78 -15.46 -17.50 -9.38
N LYS B 79 -15.14 -18.79 -9.37
CA LYS B 79 -16.02 -19.81 -8.80
C LYS B 79 -16.31 -19.55 -7.32
N ASN B 80 -17.59 -19.50 -6.97
CA ASN B 80 -18.04 -19.25 -5.61
C ASN B 80 -17.41 -17.99 -5.00
N THR B 81 -17.49 -16.89 -5.74
CA THR B 81 -16.93 -15.62 -5.27
C THR B 81 -17.98 -14.52 -5.34
N VAL B 82 -18.14 -13.80 -4.24
CA VAL B 82 -19.20 -12.80 -4.12
C VAL B 82 -18.70 -11.49 -3.49
N SER B 83 -19.12 -10.36 -4.07
CA SER B 83 -18.76 -9.05 -3.55
C SER B 83 -19.95 -8.32 -2.94
N LEU B 84 -19.67 -7.47 -1.95
CA LEU B 84 -20.71 -6.66 -1.33
C LEU B 84 -20.28 -5.20 -1.27
N GLN B 85 -20.83 -4.39 -2.16
CA GLN B 85 -20.53 -2.97 -2.20
C GLN B 85 -21.35 -2.20 -1.16
N MET B 86 -20.70 -1.76 -0.11
CA MET B 86 -21.37 -1.06 0.98
C MET B 86 -21.11 0.44 0.94
N ASN B 87 -22.13 1.22 0.61
CA ASN B 87 -22.01 2.68 0.57
C ASN B 87 -22.75 3.35 1.71
N SER B 88 -22.41 4.62 1.96
CA SER B 88 -23.05 5.43 2.99
C SER B 88 -23.02 4.76 4.36
N LEU B 89 -21.86 4.22 4.72
CA LEU B 89 -21.71 3.50 5.98
C LEU B 89 -21.87 4.42 7.20
N LYS B 90 -22.34 3.83 8.29
CA LYS B 90 -22.58 4.56 9.53
C LYS B 90 -22.09 3.73 10.72
N PRO B 91 -21.87 4.37 11.89
CA PRO B 91 -21.42 3.66 13.09
C PRO B 91 -22.28 2.46 13.46
N GLU B 92 -23.55 2.47 13.07
CA GLU B 92 -24.45 1.35 13.33
C GLU B 92 -24.02 0.11 12.54
N ASP B 93 -23.32 0.33 11.45
CA ASP B 93 -22.89 -0.77 10.58
C ASP B 93 -21.63 -1.47 11.11
N THR B 94 -21.08 -0.96 12.21
CA THR B 94 -19.91 -1.56 12.84
C THR B 94 -20.25 -2.93 13.41
N ALA B 95 -19.64 -3.98 12.86
CA ALA B 95 -19.91 -5.35 13.28
C ALA B 95 -18.90 -6.32 12.69
N VAL B 96 -18.96 -7.57 13.15
CA VAL B 96 -18.19 -8.65 12.52
C VAL B 96 -19.03 -9.25 11.41
N TYR B 97 -18.53 -9.18 10.19
CA TYR B 97 -19.28 -9.65 9.03
C TYR B 97 -18.89 -11.08 8.64
N TYR B 98 -19.88 -11.94 8.52
CA TYR B 98 -19.66 -13.34 8.19
C TYR B 98 -20.16 -13.67 6.79
N CYS B 99 -19.32 -14.34 6.01
CA CYS B 99 -19.74 -14.85 4.71
C CYS B 99 -20.32 -16.25 4.89
N ALA B 100 -21.38 -16.55 4.16
CA ALA B 100 -22.02 -17.87 4.22
C ALA B 100 -22.33 -18.39 2.83
N ALA B 101 -22.14 -19.69 2.63
CA ALA B 101 -22.40 -20.31 1.34
C ALA B 101 -23.30 -21.52 1.46
N GLY B 102 -24.17 -21.72 0.47
CA GLY B 102 -25.07 -22.86 0.45
C GLY B 102 -24.63 -23.92 -0.53
N ASP B 103 -24.76 -25.17 -0.13
CA ASP B 103 -24.36 -26.28 -0.99
C ASP B 103 -25.56 -26.88 -1.72
N THR B 104 -25.44 -27.04 -3.03
CA THR B 104 -26.49 -27.64 -3.83
C THR B 104 -26.58 -29.14 -3.52
N ALA B 105 -25.47 -29.70 -3.08
CA ALA B 105 -25.40 -31.11 -2.71
C ALA B 105 -26.12 -31.38 -1.40
N ILE B 106 -26.33 -30.32 -0.61
CA ILE B 106 -27.12 -30.41 0.60
C ILE B 106 -28.55 -29.95 0.28
N THR B 107 -29.49 -30.86 0.49
CA THR B 107 -30.84 -30.77 -0.08
C THR B 107 -31.66 -29.52 0.28
N SER B 108 -31.40 -28.95 1.45
CA SER B 108 -32.14 -27.76 1.87
C SER B 108 -31.93 -26.61 0.89
N TRP B 109 -33.03 -25.96 0.50
CA TRP B 109 -33.00 -24.96 -0.57
C TRP B 109 -32.60 -23.59 -0.06
N TYR B 110 -31.52 -23.06 -0.64
CA TYR B 110 -30.99 -21.74 -0.28
C TYR B 110 -30.64 -21.64 1.20
N GLY B 111 -30.16 -22.76 1.75
CA GLY B 111 -29.71 -22.78 3.12
C GLY B 111 -28.20 -22.73 3.19
N TYR B 112 -27.68 -22.11 4.25
CA TYR B 112 -26.24 -21.93 4.37
C TYR B 112 -25.60 -23.06 5.15
N ASP B 113 -24.55 -23.64 4.58
CA ASP B 113 -23.90 -24.80 5.18
C ASP B 113 -22.47 -24.49 5.60
N TYR B 114 -21.86 -23.50 4.97
CA TYR B 114 -20.47 -23.15 5.26
C TYR B 114 -20.37 -21.70 5.71
N TRP B 115 -19.59 -21.46 6.76
CA TRP B 115 -19.45 -20.12 7.31
C TRP B 115 -18.00 -19.64 7.30
N GLY B 116 -17.83 -18.35 7.01
CA GLY B 116 -16.51 -17.74 7.06
C GLY B 116 -16.10 -17.50 8.51
N GLN B 117 -14.81 -17.24 8.72
CA GLN B 117 -14.29 -17.02 10.06
C GLN B 117 -14.79 -15.69 10.63
N GLY B 118 -15.13 -14.76 9.72
CA GLY B 118 -15.60 -13.45 10.11
C GLY B 118 -14.52 -12.40 9.96
N THR B 119 -14.89 -11.23 9.44
CA THR B 119 -13.95 -10.14 9.29
C THR B 119 -14.52 -8.88 9.94
N GLN B 120 -13.63 -8.04 10.47
CA GLN B 120 -14.05 -6.87 11.23
C GLN B 120 -14.34 -5.67 10.34
N VAL B 121 -15.45 -4.99 10.61
CA VAL B 121 -15.78 -3.72 9.97
C VAL B 121 -16.08 -2.68 11.05
N THR B 122 -15.33 -1.59 11.05
CA THR B 122 -15.51 -0.55 12.05
C THR B 122 -15.70 0.81 11.39
N VAL B 123 -16.86 1.42 11.64
CA VAL B 123 -17.17 2.72 11.06
C VAL B 123 -17.16 3.81 12.13
N SER B 124 -16.18 4.70 12.05
CA SER B 124 -16.07 5.78 13.03
C SER B 124 -16.98 6.94 12.67
N SER B 125 -17.24 7.82 13.64
CA SER B 125 -18.09 8.98 13.41
C SER B 125 -17.42 9.98 12.46
N SER C 3 -7.19 17.49 16.62
CA SER C 3 -6.53 16.95 17.79
C SER C 3 -5.46 15.92 17.41
N GLN C 4 -5.88 14.82 16.79
CA GLN C 4 -4.95 13.79 16.33
C GLN C 4 -5.30 13.32 14.92
N VAL C 5 -4.26 12.90 14.19
CA VAL C 5 -4.43 12.35 12.85
C VAL C 5 -4.66 10.84 12.93
N GLN C 6 -5.68 10.36 12.24
CA GLN C 6 -5.97 8.94 12.20
C GLN C 6 -5.95 8.42 10.76
N LEU C 7 -5.14 7.40 10.52
CA LEU C 7 -5.03 6.79 9.19
C LEU C 7 -5.83 5.49 9.15
N GLN C 8 -7.04 5.58 8.61
CA GLN C 8 -7.95 4.43 8.61
C GLN C 8 -7.64 3.50 7.43
N GLU C 9 -7.34 2.25 7.76
CA GLU C 9 -6.90 1.27 6.77
C GLU C 9 -7.96 0.22 6.49
N SER C 10 -8.20 -0.05 5.21
CA SER C 10 -9.18 -1.04 4.80
C SER C 10 -8.75 -1.73 3.51
N GLY C 11 -9.40 -2.84 3.18
CA GLY C 11 -9.10 -3.57 1.96
C GLY C 11 -8.33 -4.86 2.20
N GLY C 12 -7.88 -5.06 3.44
CA GLY C 12 -7.13 -6.25 3.80
C GLY C 12 -8.03 -7.46 3.97
N GLY C 13 -7.57 -8.43 4.76
CA GLY C 13 -8.34 -9.64 5.00
C GLY C 13 -7.66 -10.88 4.45
N LEU C 14 -8.44 -11.93 4.22
CA LEU C 14 -7.91 -13.18 3.72
C LEU C 14 -8.10 -13.31 2.22
N VAL C 15 -7.10 -13.89 1.55
CA VAL C 15 -7.19 -14.17 0.13
C VAL C 15 -6.27 -15.33 -0.21
N GLN C 16 -6.54 -16.01 -1.33
CA GLN C 16 -5.74 -17.17 -1.71
C GLN C 16 -4.61 -16.76 -2.64
N ALA C 17 -3.55 -17.57 -2.67
CA ALA C 17 -2.38 -17.30 -3.51
C ALA C 17 -2.77 -17.12 -4.97
N GLY C 18 -2.28 -16.03 -5.57
CA GLY C 18 -2.63 -15.69 -6.93
C GLY C 18 -3.77 -14.70 -6.95
N GLY C 19 -4.37 -14.48 -5.80
CA GLY C 19 -5.49 -13.57 -5.66
C GLY C 19 -5.06 -12.12 -5.56
N SER C 20 -6.04 -11.23 -5.46
CA SER C 20 -5.78 -9.80 -5.41
C SER C 20 -6.43 -9.13 -4.20
N LEU C 21 -5.87 -8.00 -3.80
CA LEU C 21 -6.43 -7.18 -2.75
C LEU C 21 -6.26 -5.72 -3.08
N ARG C 22 -7.19 -4.89 -2.63
CA ARG C 22 -7.07 -3.45 -2.85
C ARG C 22 -7.09 -2.70 -1.52
N LEU C 23 -5.91 -2.50 -0.96
CA LEU C 23 -5.78 -1.77 0.30
C LEU C 23 -6.15 -0.31 0.11
N SER C 24 -6.77 0.27 1.13
CA SER C 24 -7.14 1.68 1.10
C SER C 24 -6.79 2.37 2.42
N CYS C 25 -6.24 3.57 2.33
CA CYS C 25 -5.93 4.36 3.51
C CYS C 25 -6.52 5.76 3.39
N ALA C 26 -7.45 6.07 4.29
CA ALA C 26 -8.07 7.38 4.33
C ALA C 26 -7.78 8.07 5.66
N ALA C 27 -7.31 9.32 5.58
CA ALA C 27 -6.99 10.07 6.79
C ALA C 27 -8.21 10.76 7.36
N SER C 28 -8.35 10.71 8.69
CA SER C 28 -9.43 11.40 9.38
C SER C 28 -8.91 12.05 10.66
N GLY C 29 -9.75 12.88 11.29
CA GLY C 29 -9.34 13.59 12.49
C GLY C 29 -8.82 14.98 12.19
N ARG C 30 -7.73 15.35 12.84
CA ARG C 30 -7.12 16.67 12.64
C ARG C 30 -6.73 16.89 11.18
N THR C 31 -7.14 18.04 10.64
CA THR C 31 -6.89 18.36 9.24
C THR C 31 -5.43 18.70 8.95
N PHE C 32 -4.94 18.24 7.80
CA PHE C 32 -3.56 18.49 7.40
C PHE C 32 -3.39 18.16 5.92
N SER C 33 -2.46 18.84 5.26
CA SER C 33 -2.12 18.53 3.88
C SER C 33 -0.97 17.54 3.84
N SER C 34 -1.22 16.37 3.26
CA SER C 34 -0.23 15.30 3.26
C SER C 34 0.89 15.54 2.25
N ASP C 35 2.12 15.24 2.67
CA ASP C 35 3.28 15.31 1.80
C ASP C 35 3.31 14.12 0.86
N VAL C 36 3.15 12.94 1.46
CA VAL C 36 3.29 11.67 0.75
C VAL C 36 2.57 10.60 1.57
N MET C 37 1.94 9.65 0.89
CA MET C 37 1.30 8.55 1.59
C MET C 37 1.74 7.23 0.97
N GLY C 38 2.05 6.26 1.83
CA GLY C 38 2.54 4.98 1.37
C GLY C 38 2.26 3.85 2.33
N TRP C 39 2.82 2.68 2.03
CA TRP C 39 2.57 1.50 2.84
C TRP C 39 3.85 0.82 3.30
N PHE C 40 3.85 0.41 4.56
CA PHE C 40 4.88 -0.47 5.09
C PHE C 40 4.22 -1.78 5.49
N ARG C 41 5.01 -2.81 5.74
CA ARG C 41 4.46 -4.08 6.18
C ARG C 41 5.44 -4.83 7.06
N GLN C 42 4.92 -5.70 7.93
CA GLN C 42 5.77 -6.47 8.82
C GLN C 42 5.26 -7.89 9.00
N ALA C 43 5.95 -8.84 8.39
CA ALA C 43 5.67 -10.25 8.55
C ALA C 43 6.00 -10.67 9.99
N PRO C 44 5.39 -11.77 10.47
CA PRO C 44 5.68 -12.25 11.82
C PRO C 44 7.15 -12.56 12.05
N GLY C 45 7.75 -11.92 13.05
CA GLY C 45 9.13 -12.15 13.42
C GLY C 45 10.14 -11.61 12.42
N LYS C 46 9.74 -10.58 11.67
CA LYS C 46 10.62 -9.98 10.68
C LYS C 46 10.68 -8.47 10.86
N GLU C 47 11.69 -7.84 10.27
CA GLU C 47 11.79 -6.39 10.27
C GLU C 47 10.66 -5.78 9.45
N ARG C 48 10.25 -4.57 9.83
CA ARG C 48 9.30 -3.84 9.02
C ARG C 48 9.96 -3.42 7.71
N GLU C 49 9.26 -3.61 6.61
CA GLU C 49 9.81 -3.25 5.30
C GLU C 49 8.91 -2.31 4.53
N PHE C 50 9.51 -1.52 3.65
CA PHE C 50 8.77 -0.59 2.81
C PHE C 50 8.06 -1.34 1.69
N VAL C 51 6.97 -0.76 1.19
CA VAL C 51 6.24 -1.37 0.08
C VAL C 51 6.12 -0.41 -1.10
N ALA C 52 5.36 0.66 -0.91
CA ALA C 52 5.13 1.63 -1.97
C ALA C 52 4.75 2.98 -1.38
N ALA C 53 4.83 4.03 -2.20
CA ALA C 53 4.45 5.38 -1.78
C ALA C 53 4.14 6.27 -2.96
N VAL C 54 3.28 7.26 -2.75
CA VAL C 54 2.97 8.23 -3.80
C VAL C 54 2.97 9.64 -3.22
N THR C 55 3.62 10.56 -3.94
CA THR C 55 3.72 11.94 -3.47
C THR C 55 2.51 12.76 -3.91
N ARG C 56 2.45 14.00 -3.44
CA ARG C 56 1.35 14.91 -3.72
C ARG C 56 1.19 15.17 -5.22
N SER C 57 2.32 15.22 -5.93
CA SER C 57 2.33 15.54 -7.35
C SER C 57 2.20 14.30 -8.23
N GLY C 58 2.20 13.13 -7.61
CA GLY C 58 1.98 11.89 -8.34
C GLY C 58 3.22 11.01 -8.49
N GLY C 59 4.34 11.47 -7.96
CA GLY C 59 5.56 10.69 -7.98
C GLY C 59 5.42 9.43 -7.15
N LYS C 60 5.86 8.30 -7.69
CA LYS C 60 5.69 7.02 -7.01
C LYS C 60 7.02 6.27 -6.83
N SER C 61 7.16 5.59 -5.71
CA SER C 61 8.34 4.77 -5.43
C SER C 61 7.92 3.42 -4.87
N TYR C 62 8.74 2.40 -5.13
CA TYR C 62 8.44 1.04 -4.70
C TYR C 62 9.65 0.34 -4.11
N ASN C 63 9.41 -0.53 -3.13
CA ASN C 63 10.39 -1.53 -2.75
C ASN C 63 10.33 -2.63 -3.81
N ALA C 64 10.92 -2.35 -4.97
CA ALA C 64 10.76 -3.17 -6.16
C ALA C 64 11.27 -4.59 -5.99
N ASP C 65 12.13 -4.79 -5.00
CA ASP C 65 12.72 -6.11 -4.76
C ASP C 65 11.79 -7.01 -3.97
N SER C 66 10.67 -6.46 -3.53
CA SER C 66 9.66 -7.24 -2.82
C SER C 66 8.30 -7.08 -3.48
N VAL C 67 8.12 -5.97 -4.18
CA VAL C 67 6.88 -5.72 -4.91
C VAL C 67 6.87 -6.46 -6.24
N LYS C 68 7.96 -6.33 -6.99
CA LYS C 68 8.17 -7.03 -8.26
C LYS C 68 7.09 -6.67 -9.29
N GLY C 69 6.72 -5.39 -9.34
CA GLY C 69 5.76 -4.91 -10.32
C GLY C 69 4.35 -5.43 -10.15
N ARG C 70 4.11 -6.13 -9.04
CA ARG C 70 2.80 -6.71 -8.76
C ARG C 70 1.84 -5.67 -8.19
N PHE C 71 2.38 -4.74 -7.41
CA PHE C 71 1.55 -3.78 -6.69
C PHE C 71 1.59 -2.42 -7.39
N THR C 72 0.48 -1.70 -7.35
CA THR C 72 0.41 -0.36 -7.92
C THR C 72 -0.30 0.59 -6.96
N ILE C 73 0.40 1.65 -6.57
CA ILE C 73 -0.17 2.63 -5.65
C ILE C 73 -0.76 3.81 -6.43
N SER C 74 -1.84 4.39 -5.91
CA SER C 74 -2.50 5.49 -6.59
C SER C 74 -3.14 6.46 -5.61
N ARG C 75 -3.23 7.72 -6.02
CA ARG C 75 -3.97 8.72 -5.26
C ARG C 75 -5.45 8.60 -5.58
N ASP C 76 -6.30 8.78 -4.58
CA ASP C 76 -7.73 8.82 -4.80
C ASP C 76 -8.22 10.26 -4.78
N ASN C 77 -9.46 10.48 -5.20
CA ASN C 77 -10.03 11.83 -5.26
C ASN C 77 -10.17 12.46 -3.88
N ALA C 78 -10.56 11.66 -2.90
CA ALA C 78 -10.74 12.15 -1.55
C ALA C 78 -9.41 12.64 -0.97
N LYS C 79 -9.47 13.64 -0.09
CA LYS C 79 -8.27 14.22 0.49
C LYS C 79 -7.53 13.20 1.35
N ASN C 80 -6.22 13.11 1.16
CA ASN C 80 -5.36 12.20 1.91
C ASN C 80 -5.84 10.75 1.85
N THR C 81 -6.26 10.32 0.66
CA THR C 81 -6.71 8.95 0.46
C THR C 81 -5.85 8.26 -0.60
N VAL C 82 -5.41 7.04 -0.32
CA VAL C 82 -4.49 6.31 -1.19
C VAL C 82 -4.86 4.84 -1.32
N SER C 83 -4.78 4.31 -2.54
CA SER C 83 -5.08 2.91 -2.80
C SER C 83 -3.83 2.12 -3.20
N LEU C 84 -3.79 0.86 -2.81
CA LEU C 84 -2.70 -0.04 -3.21
C LEU C 84 -3.26 -1.32 -3.82
N GLN C 85 -3.26 -1.39 -5.15
CA GLN C 85 -3.73 -2.57 -5.85
C GLN C 85 -2.68 -3.67 -5.84
N MET C 86 -2.93 -4.72 -5.07
CA MET C 86 -1.98 -5.81 -4.94
C MET C 86 -2.43 -7.05 -5.71
N ASN C 87 -1.69 -7.38 -6.77
CA ASN C 87 -2.01 -8.56 -7.60
C ASN C 87 -0.98 -9.66 -7.45
N SER C 88 -1.36 -10.87 -7.86
CA SER C 88 -0.48 -12.03 -7.83
C SER C 88 0.12 -12.26 -6.44
N LEU C 89 -0.75 -12.24 -5.43
CA LEU C 89 -0.31 -12.36 -4.04
C LEU C 89 0.21 -13.76 -3.72
N LYS C 90 1.14 -13.82 -2.77
CA LYS C 90 1.77 -15.07 -2.36
C LYS C 90 1.82 -15.13 -0.83
N PRO C 91 2.02 -16.33 -0.25
CA PRO C 91 2.10 -16.47 1.21
C PRO C 91 3.18 -15.58 1.85
N GLU C 92 4.19 -15.20 1.08
CA GLU C 92 5.25 -14.34 1.58
C GLU C 92 4.76 -12.91 1.77
N ASP C 93 3.62 -12.59 1.16
CA ASP C 93 3.03 -11.26 1.29
C ASP C 93 2.18 -11.15 2.56
N THR C 94 2.05 -12.25 3.29
CA THR C 94 1.30 -12.25 4.54
C THR C 94 2.01 -11.41 5.60
N ALA C 95 1.36 -10.32 6.00
CA ALA C 95 1.94 -9.40 6.98
C ALA C 95 0.90 -8.42 7.50
N VAL C 96 1.28 -7.67 8.53
CA VAL C 96 0.46 -6.54 8.99
C VAL C 96 0.87 -5.31 8.20
N TYR C 97 -0.08 -4.74 7.46
CA TYR C 97 0.23 -3.60 6.59
C TYR C 97 -0.10 -2.28 7.25
N TYR C 98 0.88 -1.39 7.26
CA TYR C 98 0.75 -0.09 7.92
C TYR C 98 0.72 1.05 6.91
N CYS C 99 -0.36 1.83 6.93
CA CYS C 99 -0.40 3.05 6.14
C CYS C 99 0.42 4.12 6.84
N ALA C 100 1.17 4.89 6.05
CA ALA C 100 1.98 5.97 6.61
C ALA C 100 1.79 7.24 5.80
N ALA C 101 1.75 8.38 6.49
CA ALA C 101 1.55 9.66 5.82
C ALA C 101 2.58 10.69 6.26
N GLY C 102 2.97 11.55 5.33
CA GLY C 102 3.89 12.63 5.64
C GLY C 102 3.17 13.97 5.62
N ASP C 103 3.63 14.90 6.45
CA ASP C 103 2.97 16.20 6.55
C ASP C 103 3.73 17.26 5.75
N THR C 104 2.99 18.03 4.97
CA THR C 104 3.56 19.12 4.19
C THR C 104 4.08 20.22 5.12
N ALA C 105 3.38 20.42 6.22
CA ALA C 105 3.73 21.46 7.19
C ALA C 105 4.99 21.09 7.98
N ILE C 106 5.38 19.82 7.93
CA ILE C 106 6.61 19.37 8.57
C ILE C 106 7.74 19.32 7.53
N THR C 107 8.80 20.08 7.80
CA THR C 107 9.85 20.38 6.82
C THR C 107 10.48 19.17 6.13
N SER C 108 10.81 18.13 6.89
CA SER C 108 11.53 16.98 6.35
C SER C 108 10.84 16.37 5.14
N TRP C 109 11.62 16.17 4.08
CA TRP C 109 11.08 15.78 2.78
C TRP C 109 10.94 14.28 2.59
N TYR C 110 9.82 13.87 1.99
CA TYR C 110 9.52 12.46 1.74
C TYR C 110 9.51 11.64 3.04
N GLY C 111 9.17 12.31 4.14
CA GLY C 111 9.18 11.66 5.45
C GLY C 111 7.80 11.40 6.00
N TYR C 112 7.64 10.25 6.64
CA TYR C 112 6.35 9.85 7.19
C TYR C 112 6.22 10.26 8.65
N ASP C 113 5.14 10.96 8.98
CA ASP C 113 4.94 11.48 10.32
C ASP C 113 3.81 10.78 11.07
N TYR C 114 2.85 10.25 10.32
CA TYR C 114 1.68 9.61 10.93
C TYR C 114 1.55 8.16 10.49
N TRP C 115 1.13 7.31 11.41
CA TRP C 115 1.02 5.88 11.13
C TRP C 115 -0.35 5.32 11.49
N GLY C 116 -0.84 4.39 10.69
CA GLY C 116 -2.10 3.72 10.99
C GLY C 116 -1.89 2.61 12.00
N GLN C 117 -2.97 2.07 12.54
CA GLN C 117 -2.88 0.99 13.51
C GLN C 117 -2.35 -0.28 12.87
N GLY C 118 -2.59 -0.43 11.57
CA GLY C 118 -2.19 -1.63 10.85
C GLY C 118 -3.39 -2.52 10.57
N THR C 119 -3.38 -3.16 9.40
CA THR C 119 -4.44 -4.11 9.04
C THR C 119 -3.84 -5.42 8.57
N GLN C 120 -4.45 -6.52 8.98
CA GLN C 120 -3.92 -7.85 8.69
C GLN C 120 -4.18 -8.28 7.25
N VAL C 121 -3.17 -8.88 6.64
CA VAL C 121 -3.30 -9.50 5.32
C VAL C 121 -2.74 -10.91 5.37
N THR C 122 -3.58 -11.90 5.10
CA THR C 122 -3.16 -13.29 5.14
C THR C 122 -3.41 -13.99 3.82
N VAL C 123 -2.34 -14.39 3.15
CA VAL C 123 -2.43 -15.09 1.88
C VAL C 123 -2.17 -16.58 2.06
N SER C 124 -3.22 -17.38 1.96
CA SER C 124 -3.10 -18.82 2.13
C SER C 124 -2.49 -19.47 0.90
N SER C 125 -1.97 -20.68 1.07
CA SER C 125 -1.37 -21.42 -0.04
C SER C 125 -2.45 -21.84 -1.04
#